data_2WEI
#
_entry.id   2WEI
#
_cell.length_a   68.900
_cell.length_b   68.900
_cell.length_c   130.460
_cell.angle_alpha   90.00
_cell.angle_beta   90.00
_cell.angle_gamma   90.00
#
_symmetry.space_group_name_H-M   'P 43 21 2'
#
loop_
_entity.id
_entity.type
_entity.pdbx_description
1 polymer 'CALMODULIN-DOMAIN PROTEIN KINASE 1, PUTATIVE'
2 non-polymer 1-tert-butyl-3-(3-methylbenzyl)-1H-pyrazolo[3,4-d]pyrimidin-4-amine
3 water water
#
_entity_poly.entity_id   1
_entity_poly.type   'polypeptide(L)'
_entity_poly.pdbx_seq_one_letter_code
;MHHHHHHSSGRENLYFQGTFAERYNIVCMLGKGSFGEVLKCKDRITQQEYAVKVINKASAKNKDTSTILREVELLKKLDH
PNIMKLFEILEDSSSFYIVGELYTGGELFDEIIKRKRFSEHDAARIIKQVFSGITYMHKHNIVHRDLKPENILLESKEKD
CDIKIIDFGLSTCFQQNTKMKDRIGTAYYIAPEVLRGTYDEKCDVWSAGVILYILLSGTPPFYGKNEYDILKRVETGKYA
FDLPQWRTISDDAKDLIRKMLTFHPSLRITATQCLEHPWIQKYSSEE
;
_entity_poly.pdbx_strand_id   A
#
loop_
_chem_comp.id
_chem_comp.type
_chem_comp.name
_chem_comp.formula
VGG non-polymer 1-tert-butyl-3-(3-methylbenzyl)-1H-pyrazolo[3,4-d]pyrimidin-4-amine 'C17 H21 N5'
#
# COMPACT_ATOMS: atom_id res chain seq x y z
N SER A 9 -13.40 -21.69 -20.70
CA SER A 9 -14.79 -22.14 -20.97
C SER A 9 -14.83 -23.65 -21.30
N GLY A 10 -16.04 -24.18 -21.43
CA GLY A 10 -16.24 -25.63 -21.58
C GLY A 10 -16.49 -26.26 -20.22
N ARG A 11 -17.25 -27.37 -20.21
CA ARG A 11 -17.65 -28.02 -18.94
C ARG A 11 -16.46 -28.44 -18.06
N GLU A 12 -15.53 -29.21 -18.62
CA GLU A 12 -14.39 -29.72 -17.85
C GLU A 12 -13.56 -28.60 -17.24
N ASN A 13 -13.16 -27.63 -18.07
CA ASN A 13 -12.35 -26.52 -17.59
C ASN A 13 -13.09 -25.71 -16.53
N LEU A 14 -14.37 -25.43 -16.74
CA LEU A 14 -15.18 -24.71 -15.75
C LEU A 14 -15.24 -25.49 -14.42
N TYR A 15 -15.35 -26.80 -14.52
CA TYR A 15 -15.43 -27.64 -13.32
C TYR A 15 -14.09 -27.52 -12.55
N PHE A 16 -12.98 -27.65 -13.29
CA PHE A 16 -11.67 -27.52 -12.66
C PHE A 16 -11.32 -26.10 -12.16
N GLN A 17 -12.09 -25.10 -12.56
CA GLN A 17 -11.89 -23.74 -12.09
C GLN A 17 -12.25 -23.60 -10.61
N GLY A 18 -12.92 -24.63 -10.08
CA GLY A 18 -13.05 -24.77 -8.65
C GLY A 18 -14.03 -23.78 -8.05
N THR A 19 -13.80 -23.41 -6.79
CA THR A 19 -14.87 -22.90 -5.94
C THR A 19 -15.15 -21.43 -6.23
N PHE A 20 -14.12 -20.73 -6.72
CA PHE A 20 -14.28 -19.31 -7.10
C PHE A 20 -15.32 -19.09 -8.21
N ALA A 21 -15.23 -19.88 -9.27
CA ALA A 21 -16.18 -19.75 -10.40
C ALA A 21 -17.60 -20.17 -10.03
N GLU A 22 -17.68 -21.15 -9.14
CA GLU A 22 -18.93 -21.60 -8.58
C GLU A 22 -19.60 -20.49 -7.75
N ARG A 23 -18.81 -19.83 -6.90
CA ARG A 23 -19.32 -18.85 -5.94
C ARG A 23 -19.50 -17.44 -6.51
N TYR A 24 -18.64 -17.05 -7.44
CA TYR A 24 -18.58 -15.67 -7.92
C TYR A 24 -18.68 -15.54 -9.43
N ASN A 25 -19.33 -14.48 -9.86
CA ASN A 25 -19.37 -14.08 -11.26
C ASN A 25 -18.51 -12.82 -11.43
N ILE A 26 -17.65 -12.82 -12.43
CA ILE A 26 -16.92 -11.61 -12.87
C ILE A 26 -17.85 -10.62 -13.59
N VAL A 27 -17.92 -9.39 -13.07
CA VAL A 27 -18.67 -8.32 -13.74
C VAL A 27 -17.81 -7.54 -14.74
N CYS A 28 -16.61 -7.15 -14.33
CA CYS A 28 -15.70 -6.40 -15.23
C CYS A 28 -14.28 -6.37 -14.69
N MET A 29 -13.35 -6.03 -15.57
CA MET A 29 -11.95 -5.82 -15.17
C MET A 29 -11.84 -4.43 -14.54
N LEU A 30 -11.05 -4.31 -13.47
CA LEU A 30 -10.79 -3.01 -12.82
C LEU A 30 -9.38 -2.46 -13.03
N GLY A 31 -8.43 -3.32 -13.39
CA GLY A 31 -7.08 -2.87 -13.67
C GLY A 31 -6.04 -3.81 -13.10
N LYS A 32 -4.79 -3.58 -13.51
CA LYS A 32 -3.65 -4.35 -13.02
C LYS A 32 -3.24 -3.77 -11.66
N GLY A 33 -3.19 -4.64 -10.65
CA GLY A 33 -2.65 -4.27 -9.34
C GLY A 33 -1.30 -4.95 -9.19
N SER A 34 -0.61 -4.68 -8.09
CA SER A 34 0.59 -5.46 -7.79
C SER A 34 0.19 -6.92 -7.72
N PHE A 35 1.03 -7.79 -8.26
CA PHE A 35 0.85 -9.24 -8.12
C PHE A 35 -0.15 -9.84 -9.10
N GLY A 36 -1.10 -9.05 -9.61
CA GLY A 36 -2.17 -9.65 -10.37
C GLY A 36 -3.20 -8.68 -10.89
N GLU A 37 -4.18 -9.23 -11.61
CA GLU A 37 -5.30 -8.43 -12.14
C GLU A 37 -6.39 -8.35 -11.11
N VAL A 38 -7.02 -7.19 -11.01
CA VAL A 38 -8.15 -6.98 -10.12
C VAL A 38 -9.41 -6.84 -10.96
N LEU A 39 -10.45 -7.50 -10.51
CA LEU A 39 -11.74 -7.55 -11.17
C LEU A 39 -12.82 -7.21 -10.14
N LYS A 40 -13.94 -6.69 -10.61
CA LYS A 40 -15.15 -6.61 -9.80
C LYS A 40 -15.93 -7.88 -10.00
N CYS A 41 -16.31 -8.52 -8.91
CA CYS A 41 -17.11 -9.75 -8.97
C CYS A 41 -18.33 -9.65 -8.08
N LYS A 42 -19.25 -10.57 -8.29
CA LYS A 42 -20.46 -10.64 -7.48
C LYS A 42 -20.60 -12.01 -6.87
N ASP A 43 -20.98 -12.08 -5.59
CA ASP A 43 -21.33 -13.33 -4.97
C ASP A 43 -22.63 -13.78 -5.63
N ARG A 44 -22.65 -14.94 -6.24
CA ARG A 44 -23.83 -15.34 -7.03
C ARG A 44 -25.08 -15.43 -6.16
N ILE A 45 -24.94 -16.03 -4.99
CA ILE A 45 -26.09 -16.21 -4.08
C ILE A 45 -26.62 -14.87 -3.53
N THR A 46 -25.73 -14.00 -3.06
CA THR A 46 -26.16 -12.80 -2.34
C THR A 46 -26.23 -11.58 -3.24
N GLN A 47 -25.62 -11.66 -4.42
CA GLN A 47 -25.52 -10.55 -5.40
C GLN A 47 -24.69 -9.34 -4.92
N GLN A 48 -24.02 -9.45 -3.78
CA GLN A 48 -23.12 -8.42 -3.26
C GLN A 48 -21.84 -8.39 -4.07
N GLU A 49 -21.32 -7.19 -4.29
CA GLU A 49 -20.14 -7.03 -5.11
C GLU A 49 -18.88 -6.90 -4.29
N TYR A 50 -17.79 -7.43 -4.83
CA TYR A 50 -16.49 -7.44 -4.18
C TYR A 50 -15.43 -7.15 -5.22
N ALA A 51 -14.22 -6.89 -4.74
CA ALA A 51 -13.02 -6.89 -5.56
C ALA A 51 -12.33 -8.25 -5.40
N VAL A 52 -11.85 -8.78 -6.51
CA VAL A 52 -11.03 -10.02 -6.49
C VAL A 52 -9.69 -9.78 -7.19
N LYS A 53 -8.61 -10.16 -6.52
CA LYS A 53 -7.30 -10.17 -7.13
C LYS A 53 -6.95 -11.59 -7.54
N VAL A 54 -6.61 -11.72 -8.80
CA VAL A 54 -6.29 -13.00 -9.41
C VAL A 54 -4.79 -13.07 -9.59
N ILE A 55 -4.15 -14.01 -8.89
CA ILE A 55 -2.66 -14.08 -8.83
C ILE A 55 -2.19 -15.39 -9.38
N ASN A 56 -1.36 -15.37 -10.43
CA ASN A 56 -0.84 -16.61 -10.99
C ASN A 56 -0.03 -17.35 -9.91
N LYS A 57 -0.25 -18.66 -9.77
CA LYS A 57 0.47 -19.46 -8.77
C LYS A 57 1.98 -19.48 -8.98
N ALA A 58 2.42 -19.27 -10.22
CA ALA A 58 3.85 -19.10 -10.56
C ALA A 58 4.46 -17.87 -9.86
N SER A 59 3.62 -16.91 -9.43
CA SER A 59 4.05 -15.70 -8.72
C SER A 59 4.18 -15.87 -7.21
N ALA A 60 3.82 -17.04 -6.68
CA ALA A 60 4.04 -17.30 -5.23
C ALA A 60 5.51 -17.30 -4.91
N LYS A 61 5.89 -16.62 -3.83
CA LYS A 61 7.26 -16.66 -3.35
C LYS A 61 7.52 -17.93 -2.57
N ASN A 62 6.47 -18.45 -1.94
CA ASN A 62 6.62 -19.64 -1.13
C ASN A 62 6.04 -20.81 -1.88
N LYS A 63 6.83 -21.87 -2.01
CA LYS A 63 6.43 -23.04 -2.77
C LYS A 63 5.40 -23.91 -2.05
N ASP A 64 5.22 -23.69 -0.74
CA ASP A 64 4.22 -24.41 0.06
C ASP A 64 2.92 -23.61 0.08
N THR A 65 1.94 -24.02 -0.74
CA THR A 65 0.67 -23.29 -0.79
C THR A 65 -0.01 -23.16 0.58
N SER A 66 0.13 -24.15 1.42
CA SER A 66 -0.50 -24.07 2.75
C SER A 66 -0.02 -22.89 3.57
N THR A 67 1.24 -22.45 3.39
CA THR A 67 1.75 -21.30 4.13
C THR A 67 1.12 -20.03 3.63
N ILE A 68 0.90 -19.94 2.32
CA ILE A 68 0.21 -18.79 1.76
C ILE A 68 -1.22 -18.70 2.31
N LEU A 69 -1.93 -19.83 2.33
CA LEU A 69 -3.29 -19.86 2.85
C LEU A 69 -3.31 -19.46 4.33
N ARG A 70 -2.35 -19.95 5.11
CA ARG A 70 -2.27 -19.58 6.53
C ARG A 70 -2.05 -18.10 6.71
N GLU A 71 -1.10 -17.55 5.92
CA GLU A 71 -0.79 -16.12 6.02
C GLU A 71 -2.02 -15.28 5.76
N VAL A 72 -2.72 -15.60 4.67
CA VAL A 72 -3.89 -14.85 4.30
C VAL A 72 -5.03 -15.06 5.29
N GLU A 73 -5.18 -16.28 5.84
CA GLU A 73 -6.15 -16.50 6.93
C GLU A 73 -5.88 -15.61 8.14
N LEU A 74 -4.61 -15.41 8.50
CA LEU A 74 -4.30 -14.49 9.60
C LEU A 74 -4.72 -13.07 9.25
N LEU A 75 -4.47 -12.67 8.01
CA LEU A 75 -4.86 -11.31 7.58
C LEU A 75 -6.37 -11.09 7.56
N LYS A 76 -7.15 -12.14 7.23
CA LYS A 76 -8.62 -12.05 7.27
C LYS A 76 -9.16 -11.74 8.65
N LYS A 77 -8.47 -12.17 9.70
CA LYS A 77 -8.96 -11.99 11.06
C LYS A 77 -8.72 -10.57 11.59
N LEU A 78 -7.89 -9.81 10.90
CA LEU A 78 -7.58 -8.47 11.32
C LEU A 78 -8.66 -7.51 10.85
N ASP A 79 -8.75 -6.38 11.55
CA ASP A 79 -9.81 -5.43 11.37
C ASP A 79 -9.39 -4.02 11.83
N HIS A 80 -9.28 -3.09 10.87
CA HIS A 80 -8.96 -1.70 11.15
C HIS A 80 -9.56 -0.84 10.01
N PRO A 81 -10.11 0.34 10.34
CA PRO A 81 -10.81 1.12 9.31
C PRO A 81 -9.96 1.65 8.15
N ASN A 82 -8.65 1.61 8.29
CA ASN A 82 -7.74 2.07 7.23
C ASN A 82 -6.96 0.93 6.56
N ILE A 83 -7.39 -0.31 6.83
CA ILE A 83 -6.80 -1.50 6.20
C ILE A 83 -7.92 -2.20 5.41
N MET A 84 -7.68 -2.50 4.13
CA MET A 84 -8.65 -3.21 3.35
C MET A 84 -9.03 -4.54 4.05
N LYS A 85 -10.34 -4.81 4.17
CA LYS A 85 -10.84 -6.13 4.68
C LYS A 85 -10.82 -7.20 3.59
N LEU A 86 -10.29 -8.37 3.94
CA LEU A 86 -10.28 -9.52 3.06
C LEU A 86 -11.34 -10.50 3.55
N PHE A 87 -11.99 -11.17 2.61
CA PHE A 87 -13.05 -12.09 2.94
C PHE A 87 -12.71 -13.53 2.65
N GLU A 88 -11.97 -13.79 1.55
CA GLU A 88 -11.69 -15.16 1.10
C GLU A 88 -10.39 -15.25 0.32
N ILE A 89 -9.71 -16.39 0.44
CA ILE A 89 -8.69 -16.79 -0.55
C ILE A 89 -9.08 -18.17 -1.06
N LEU A 90 -9.26 -18.26 -2.38
CA LEU A 90 -9.63 -19.48 -3.07
C LEU A 90 -8.54 -19.79 -4.10
N GLU A 91 -8.59 -21.00 -4.67
CA GLU A 91 -7.60 -21.41 -5.67
C GLU A 91 -8.19 -22.26 -6.76
N ASP A 92 -7.52 -22.27 -7.91
CA ASP A 92 -7.66 -23.36 -8.87
C ASP A 92 -6.23 -23.79 -9.24
N SER A 93 -6.07 -24.57 -10.31
CA SER A 93 -4.74 -25.09 -10.59
C SER A 93 -3.75 -24.00 -10.97
N SER A 94 -4.25 -22.92 -11.56
CA SER A 94 -3.39 -21.86 -12.11
C SER A 94 -3.23 -20.64 -11.20
N SER A 95 -4.20 -20.40 -10.30
CA SER A 95 -4.34 -19.08 -9.70
C SER A 95 -4.84 -19.12 -8.25
N PHE A 96 -4.47 -18.07 -7.50
CA PHE A 96 -5.12 -17.70 -6.24
C PHE A 96 -6.13 -16.60 -6.55
N TYR A 97 -7.24 -16.60 -5.81
CA TYR A 97 -8.29 -15.59 -5.95
C TYR A 97 -8.47 -15.00 -4.58
N ILE A 98 -8.11 -13.74 -4.40
CA ILE A 98 -8.26 -13.09 -3.09
C ILE A 98 -9.41 -12.09 -3.19
N VAL A 99 -10.46 -12.34 -2.43
CA VAL A 99 -11.70 -11.58 -2.49
C VAL A 99 -11.77 -10.66 -1.28
N GLY A 100 -12.06 -9.39 -1.51
CA GLY A 100 -12.20 -8.43 -0.43
C GLY A 100 -13.07 -7.25 -0.82
N GLU A 101 -13.08 -6.26 0.05
CA GLU A 101 -13.93 -5.08 -0.11
C GLU A 101 -13.63 -4.36 -1.41
N LEU A 102 -14.69 -3.92 -2.08
CA LEU A 102 -14.59 -3.14 -3.30
C LEU A 102 -14.64 -1.62 -3.00
N TYR A 103 -13.71 -0.86 -3.57
CA TYR A 103 -13.62 0.59 -3.39
C TYR A 103 -13.84 1.25 -4.73
N THR A 104 -14.22 2.52 -4.73
CA THR A 104 -14.48 3.24 -5.98
C THR A 104 -13.84 4.63 -6.11
N GLY A 105 -13.01 5.01 -5.14
CA GLY A 105 -12.37 6.33 -5.13
C GLY A 105 -11.03 6.45 -5.83
N GLY A 106 -10.48 5.34 -6.32
CA GLY A 106 -9.20 5.39 -7.01
C GLY A 106 -8.08 5.41 -5.98
N GLU A 107 -6.88 5.69 -6.45
CA GLU A 107 -5.74 5.61 -5.55
C GLU A 107 -5.20 6.98 -5.17
N LEU A 108 -4.42 7.04 -4.10
CA LEU A 108 -3.81 8.28 -3.65
C LEU A 108 -2.97 8.95 -4.73
N PHE A 109 -2.25 8.19 -5.60
CA PHE A 109 -1.47 8.91 -6.65
C PHE A 109 -2.37 9.64 -7.62
N ASP A 110 -3.53 9.06 -7.97
CA ASP A 110 -4.51 9.81 -8.78
C ASP A 110 -4.82 11.17 -8.14
N GLU A 111 -4.95 11.18 -6.82
CA GLU A 111 -5.31 12.37 -6.08
C GLU A 111 -4.13 13.35 -6.01
N ILE A 112 -2.89 12.83 -5.97
CA ILE A 112 -1.69 13.66 -6.09
C ILE A 112 -1.62 14.35 -7.45
N ILE A 113 -1.86 13.59 -8.53
CA ILE A 113 -1.89 14.17 -9.88
C ILE A 113 -2.92 15.30 -9.99
N LYS A 114 -4.09 15.09 -9.40
CA LYS A 114 -5.18 16.07 -9.40
C LYS A 114 -4.91 17.36 -8.60
N ARG A 115 -4.48 17.21 -7.34
CA ARG A 115 -4.34 18.34 -6.40
C ARG A 115 -2.96 18.98 -6.43
N LYS A 116 -1.95 18.19 -6.84
CA LYS A 116 -0.51 18.58 -6.96
C LYS A 116 0.20 18.66 -5.62
N ARG A 117 -0.36 19.41 -4.69
CA ARG A 117 0.18 19.61 -3.35
C ARG A 117 -1.00 19.71 -2.40
N PHE A 118 -0.77 19.30 -1.16
CA PHE A 118 -1.80 19.32 -0.11
C PHE A 118 -1.39 20.30 0.96
N SER A 119 -2.34 21.05 1.52
CA SER A 119 -2.05 21.90 2.66
C SER A 119 -1.63 21.04 3.82
N GLU A 120 -1.01 21.64 4.83
CA GLU A 120 -0.60 20.84 6.00
C GLU A 120 -1.82 20.19 6.66
N HIS A 121 -2.93 20.90 6.70
CA HIS A 121 -4.15 20.36 7.30
C HIS A 121 -4.65 19.12 6.59
N ASP A 122 -4.75 19.20 5.27
CA ASP A 122 -5.22 18.11 4.44
C ASP A 122 -4.25 16.92 4.44
N ALA A 123 -2.96 17.20 4.38
CA ALA A 123 -1.93 16.14 4.42
C ALA A 123 -1.97 15.41 5.78
N ALA A 124 -2.16 16.15 6.86
CA ALA A 124 -2.20 15.54 8.17
C ALA A 124 -3.41 14.61 8.28
N ARG A 125 -4.56 15.00 7.71
CA ARG A 125 -5.77 14.16 7.73
C ARG A 125 -5.52 12.82 7.04
N ILE A 126 -4.84 12.86 5.89
CA ILE A 126 -4.58 11.69 5.11
C ILE A 126 -3.54 10.81 5.81
N ILE A 127 -2.43 11.43 6.20
CA ILE A 127 -1.31 10.65 6.68
C ILE A 127 -1.57 10.07 8.05
N LYS A 128 -2.37 10.76 8.88
CA LYS A 128 -2.76 10.20 10.19
C LYS A 128 -3.47 8.86 9.99
N GLN A 129 -4.33 8.76 8.99
CA GLN A 129 -5.03 7.49 8.71
C GLN A 129 -4.04 6.35 8.33
N VAL A 130 -3.07 6.71 7.49
CA VAL A 130 -1.95 5.81 7.12
C VAL A 130 -1.20 5.38 8.37
N PHE A 131 -0.88 6.34 9.24
CA PHE A 131 -0.16 6.03 10.47
C PHE A 131 -0.99 5.09 11.36
N SER A 132 -2.30 5.33 11.45
CA SER A 132 -3.16 4.50 12.29
C SER A 132 -3.14 3.04 11.77
N GLY A 133 -3.30 2.87 10.47
CA GLY A 133 -3.25 1.55 9.84
C GLY A 133 -1.93 0.86 10.08
N ILE A 134 -0.83 1.56 9.83
CA ILE A 134 0.50 0.98 10.03
C ILE A 134 0.74 0.55 11.47
N THR A 135 0.36 1.41 12.42
CA THR A 135 0.56 1.11 13.81
C THR A 135 -0.17 -0.19 14.18
N TYR A 136 -1.41 -0.32 13.72
CA TYR A 136 -2.19 -1.49 13.99
C TYR A 136 -1.54 -2.75 13.43
N MET A 137 -1.15 -2.71 12.17
CA MET A 137 -0.54 -3.89 11.55
C MET A 137 0.80 -4.26 12.20
N HIS A 138 1.60 -3.27 12.54
CA HIS A 138 2.88 -3.52 13.24
C HIS A 138 2.71 -4.18 14.60
N LYS A 139 1.64 -3.84 15.30
CA LYS A 139 1.28 -4.51 16.57
C LYS A 139 1.06 -6.01 16.37
N HIS A 140 0.62 -6.43 15.18
CA HIS A 140 0.51 -7.82 14.78
C HIS A 140 1.70 -8.39 13.97
N ASN A 141 2.84 -7.69 14.03
CA ASN A 141 4.08 -8.06 13.34
C ASN A 141 3.90 -8.28 11.86
N ILE A 142 3.04 -7.47 11.23
CA ILE A 142 2.90 -7.50 9.80
C ILE A 142 3.60 -6.27 9.21
N VAL A 143 4.40 -6.49 8.16
CA VAL A 143 5.15 -5.44 7.50
C VAL A 143 4.60 -5.33 6.05
N HIS A 144 4.47 -4.10 5.55
CA HIS A 144 4.04 -3.94 4.17
C HIS A 144 5.16 -4.10 3.19
N ARG A 145 6.22 -3.27 3.34
CA ARG A 145 7.42 -3.26 2.48
C ARG A 145 7.18 -2.50 1.18
N ASP A 146 5.94 -2.52 0.70
CA ASP A 146 5.59 -1.94 -0.59
C ASP A 146 4.58 -0.82 -0.47
N LEU A 147 4.66 -0.06 0.62
CA LEU A 147 3.73 1.04 0.80
C LEU A 147 4.07 2.15 -0.18
N LYS A 148 3.07 2.62 -0.90
CA LYS A 148 3.24 3.62 -1.97
C LYS A 148 1.84 4.18 -2.23
N PRO A 149 1.76 5.33 -2.90
CA PRO A 149 0.42 5.93 -3.07
C PRO A 149 -0.53 5.01 -3.86
N GLU A 150 -0.02 4.17 -4.77
CA GLU A 150 -0.87 3.23 -5.51
C GLU A 150 -1.52 2.13 -4.63
N ASN A 151 -0.95 1.89 -3.45
CA ASN A 151 -1.50 0.94 -2.48
C ASN A 151 -2.25 1.62 -1.34
N ILE A 152 -2.67 2.87 -1.57
CA ILE A 152 -3.52 3.60 -0.62
C ILE A 152 -4.71 4.02 -1.50
N LEU A 153 -5.86 3.40 -1.26
CA LEU A 153 -7.06 3.62 -2.05
C LEU A 153 -8.06 4.49 -1.29
N LEU A 154 -8.80 5.28 -2.05
CA LEU A 154 -9.92 6.03 -1.48
C LEU A 154 -11.15 5.14 -1.46
N GLU A 155 -11.81 5.04 -0.32
CA GLU A 155 -12.97 4.15 -0.21
C GLU A 155 -14.07 4.43 -1.25
N SER A 156 -14.33 5.73 -1.51
CA SER A 156 -15.37 6.15 -2.45
C SER A 156 -14.99 7.47 -3.15
N LYS A 157 -15.90 7.98 -4.00
CA LYS A 157 -15.69 9.27 -4.65
C LYS A 157 -16.19 10.44 -3.77
N GLU A 158 -16.77 10.15 -2.60
CA GLU A 158 -17.30 11.20 -1.69
C GLU A 158 -16.16 12.05 -1.15
N LYS A 159 -16.44 13.33 -0.92
CA LYS A 159 -15.43 14.22 -0.33
C LYS A 159 -14.94 13.68 1.03
N ASP A 160 -13.63 13.72 1.23
CA ASP A 160 -13.01 13.38 2.51
C ASP A 160 -13.33 11.96 3.03
N CYS A 161 -13.42 10.98 2.10
CA CYS A 161 -13.70 9.59 2.45
C CYS A 161 -12.48 9.01 3.16
N ASP A 162 -12.66 7.86 3.80
CA ASP A 162 -11.54 7.19 4.46
C ASP A 162 -10.62 6.60 3.42
N ILE A 163 -9.34 6.57 3.74
CA ILE A 163 -8.37 5.86 2.88
C ILE A 163 -8.18 4.43 3.38
N LYS A 164 -7.76 3.55 2.47
CA LYS A 164 -7.63 2.13 2.78
C LYS A 164 -6.33 1.66 2.19
N ILE A 165 -5.44 1.16 3.06
CA ILE A 165 -4.17 0.60 2.59
C ILE A 165 -4.50 -0.80 2.07
N ILE A 166 -3.98 -1.13 0.91
CA ILE A 166 -4.22 -2.40 0.27
C ILE A 166 -2.88 -3.18 0.23
N ASP A 167 -3.02 -4.51 0.14
CA ASP A 167 -1.87 -5.44 -0.01
C ASP A 167 -0.96 -5.53 1.24
N PHE A 168 -1.42 -5.06 2.39
CA PHE A 168 -0.59 -5.01 3.60
C PHE A 168 -0.41 -6.43 4.15
N GLY A 169 0.79 -6.97 3.96
CA GLY A 169 1.13 -8.30 4.40
C GLY A 169 1.28 -9.30 3.26
N LEU A 170 0.89 -8.92 2.05
CA LEU A 170 1.00 -9.84 0.91
C LEU A 170 2.42 -9.97 0.29
N SER A 171 3.39 -9.10 0.67
CA SER A 171 4.73 -9.16 0.04
C SER A 171 5.56 -10.35 0.51
N THR A 172 5.18 -10.95 1.64
CA THR A 172 5.83 -12.22 2.10
C THR A 172 5.44 -13.42 1.20
N CYS A 173 4.31 -13.27 0.50
CA CYS A 173 3.69 -14.35 -0.25
C CYS A 173 3.89 -14.27 -1.77
N PHE A 174 3.89 -13.06 -2.34
CA PHE A 174 3.84 -12.92 -3.81
C PHE A 174 4.91 -12.00 -4.37
N GLN A 175 5.44 -12.38 -5.53
CA GLN A 175 6.42 -11.58 -6.25
C GLN A 175 5.72 -10.73 -7.31
N GLN A 176 6.30 -9.57 -7.59
CA GLN A 176 5.66 -8.59 -8.47
C GLN A 176 5.41 -9.17 -9.86
N ASN A 177 4.51 -8.52 -10.59
CA ASN A 177 4.22 -8.87 -11.99
C ASN A 177 5.53 -8.95 -12.82
N THR A 178 5.58 -9.88 -13.77
CA THR A 178 6.71 -9.93 -14.70
C THR A 178 6.75 -8.58 -15.44
N LYS A 179 5.62 -8.27 -16.10
CA LYS A 179 5.40 -6.93 -16.67
C LYS A 179 4.64 -6.05 -15.64
N MET A 180 5.37 -5.13 -15.00
CA MET A 180 4.77 -4.18 -14.05
C MET A 180 4.27 -2.95 -14.82
N LYS A 181 3.24 -2.31 -14.28
CA LYS A 181 2.65 -1.16 -14.94
C LYS A 181 3.43 0.14 -14.70
N ASP A 182 4.12 0.24 -13.56
CA ASP A 182 5.00 1.41 -13.31
C ASP A 182 6.18 1.05 -12.38
N ARG A 183 7.16 0.34 -12.95
CA ARG A 183 8.38 -0.11 -12.19
C ARG A 183 9.24 1.03 -11.59
N ILE A 184 9.48 2.07 -12.39
CA ILE A 184 10.26 3.20 -11.92
C ILE A 184 9.54 3.85 -10.76
N GLY A 185 8.21 3.93 -10.87
CA GLY A 185 7.40 4.54 -9.83
C GLY A 185 7.58 3.89 -8.46
N THR A 186 7.97 2.62 -8.40
CA THR A 186 8.18 1.93 -7.11
C THR A 186 9.49 2.30 -6.32
N ALA A 187 10.52 2.68 -7.06
CA ALA A 187 11.78 3.07 -6.49
C ALA A 187 11.67 4.26 -5.56
N TYR A 188 10.72 5.18 -5.79
CA TYR A 188 10.67 6.35 -4.94
C TYR A 188 10.49 6.07 -3.46
N TYR A 189 9.81 4.96 -3.13
CA TYR A 189 9.26 4.74 -1.75
C TYR A 189 10.00 3.70 -0.96
N ILE A 190 10.85 2.94 -1.62
CA ILE A 190 11.52 1.80 -0.97
C ILE A 190 12.61 2.23 0.01
N ALA A 191 12.61 1.62 1.19
CA ALA A 191 13.57 1.96 2.22
C ALA A 191 14.94 1.42 1.87
N PRO A 192 16.01 2.18 2.22
CA PRO A 192 17.34 1.71 1.87
C PRO A 192 17.69 0.28 2.36
N GLU A 193 17.31 -0.04 3.58
CA GLU A 193 17.60 -1.36 4.09
C GLU A 193 16.84 -2.49 3.36
N VAL A 194 15.68 -2.18 2.78
CA VAL A 194 14.94 -3.13 1.94
C VAL A 194 15.77 -3.45 0.68
N LEU A 195 16.33 -2.41 0.07
CA LEU A 195 17.24 -2.63 -1.08
C LEU A 195 18.43 -3.54 -0.72
N ARG A 196 18.88 -3.45 0.54
CA ARG A 196 19.99 -4.27 1.03
C ARG A 196 19.58 -5.69 1.45
N GLY A 197 18.28 -5.97 1.50
CA GLY A 197 17.80 -7.35 1.77
C GLY A 197 17.60 -7.64 3.24
N THR A 198 17.52 -6.58 4.05
CA THR A 198 17.46 -6.75 5.51
C THR A 198 16.47 -5.80 6.14
N TYR A 199 15.18 -6.19 6.19
CA TYR A 199 14.07 -5.28 6.56
C TYR A 199 13.36 -5.76 7.82
N ASP A 200 12.74 -4.80 8.48
CA ASP A 200 11.81 -5.03 9.57
C ASP A 200 10.68 -3.98 9.42
N GLU A 201 9.83 -3.82 10.43
CA GLU A 201 8.68 -2.91 10.32
C GLU A 201 9.03 -1.42 10.02
N LYS A 202 10.25 -0.97 10.36
CA LYS A 202 10.66 0.42 10.15
C LYS A 202 10.66 0.83 8.72
N CYS A 203 10.73 -0.12 7.78
CA CYS A 203 10.69 0.23 6.37
C CYS A 203 9.36 0.91 5.99
N ASP A 204 8.28 0.60 6.72
CA ASP A 204 6.97 1.21 6.42
C ASP A 204 6.93 2.67 6.90
N VAL A 205 7.65 2.98 7.97
CA VAL A 205 7.79 4.37 8.42
C VAL A 205 8.52 5.24 7.36
N TRP A 206 9.62 4.72 6.81
CA TRP A 206 10.33 5.37 5.73
C TRP A 206 9.37 5.63 4.56
N SER A 207 8.67 4.59 4.11
CA SER A 207 7.81 4.75 2.93
C SER A 207 6.74 5.81 3.18
N ALA A 208 6.17 5.81 4.37
CA ALA A 208 5.19 6.81 4.76
C ALA A 208 5.79 8.24 4.82
N GLY A 209 7.06 8.35 5.18
CA GLY A 209 7.78 9.61 5.20
C GLY A 209 7.95 10.12 3.79
N VAL A 210 8.26 9.24 2.85
CA VAL A 210 8.38 9.68 1.45
C VAL A 210 7.04 10.19 0.96
N ILE A 211 5.97 9.46 1.26
CA ILE A 211 4.64 9.88 0.86
C ILE A 211 4.31 11.26 1.41
N LEU A 212 4.59 11.48 2.68
CA LEU A 212 4.29 12.76 3.34
C LEU A 212 5.07 13.92 2.70
N TYR A 213 6.33 13.65 2.39
CA TYR A 213 7.19 14.62 1.70
C TYR A 213 6.56 15.04 0.40
N ILE A 214 6.07 14.05 -0.36
CA ILE A 214 5.41 14.32 -1.63
C ILE A 214 4.06 15.06 -1.44
N LEU A 215 3.28 14.70 -0.44
CA LEU A 215 2.00 15.38 -0.21
C LEU A 215 2.21 16.87 0.01
N LEU A 216 3.26 17.20 0.75
CA LEU A 216 3.49 18.60 1.15
C LEU A 216 4.20 19.40 0.05
N SER A 217 5.15 18.78 -0.65
CA SER A 217 5.95 19.52 -1.62
C SER A 217 5.60 19.33 -3.09
N GLY A 218 4.89 18.26 -3.40
CA GLY A 218 4.59 17.89 -4.77
C GLY A 218 5.73 17.23 -5.51
N THR A 219 6.83 16.90 -4.81
CA THR A 219 8.04 16.38 -5.48
C THR A 219 8.61 15.25 -4.62
N PRO A 220 9.27 14.25 -5.25
CA PRO A 220 9.87 13.20 -4.40
C PRO A 220 11.21 13.61 -3.79
N PRO A 221 11.51 13.08 -2.58
CA PRO A 221 12.80 13.40 -1.91
C PRO A 221 14.00 12.78 -2.61
N PHE A 222 13.80 11.56 -3.14
CA PHE A 222 14.80 10.83 -3.90
C PHE A 222 14.29 10.72 -5.32
N TYR A 223 14.96 11.41 -6.23
CA TYR A 223 14.46 11.66 -7.58
C TYR A 223 15.45 11.19 -8.63
N GLY A 224 15.07 11.26 -9.90
CA GLY A 224 15.95 10.84 -10.99
C GLY A 224 15.18 10.48 -12.24
N LYS A 225 15.89 10.33 -13.37
CA LYS A 225 15.30 10.15 -14.70
C LYS A 225 15.00 8.68 -15.02
N ASN A 226 15.48 7.79 -14.15
CA ASN A 226 15.31 6.37 -14.32
C ASN A 226 15.45 5.67 -12.98
N GLU A 227 15.15 4.38 -12.97
CA GLU A 227 15.15 3.59 -11.75
C GLU A 227 16.52 3.62 -11.03
N TYR A 228 17.59 3.40 -11.80
CA TYR A 228 18.95 3.41 -11.27
C TYR A 228 19.27 4.70 -10.54
N ASP A 229 19.01 5.84 -11.19
CA ASP A 229 19.32 7.15 -10.61
C ASP A 229 18.55 7.36 -9.32
N ILE A 230 17.27 6.97 -9.27
CA ILE A 230 16.47 7.11 -8.07
C ILE A 230 17.04 6.23 -6.96
N LEU A 231 17.32 4.98 -7.27
CA LEU A 231 17.80 4.06 -6.25
C LEU A 231 19.17 4.46 -5.71
N LYS A 232 20.03 5.04 -6.54
CA LYS A 232 21.34 5.55 -6.08
C LYS A 232 21.16 6.63 -5.02
N ARG A 233 20.13 7.46 -5.17
CA ARG A 233 19.85 8.48 -4.16
C ARG A 233 19.27 7.87 -2.90
N VAL A 234 18.35 6.93 -3.05
CA VAL A 234 17.78 6.26 -1.88
C VAL A 234 18.90 5.60 -1.04
N GLU A 235 19.81 4.94 -1.73
CA GLU A 235 20.84 4.15 -1.09
C GLU A 235 21.76 5.00 -0.22
N THR A 236 21.98 6.25 -0.62
CA THR A 236 22.81 7.18 0.18
C THR A 236 21.98 7.81 1.30
N GLY A 237 20.68 7.94 1.06
CA GLY A 237 19.77 8.44 2.07
C GLY A 237 19.76 9.97 2.17
N LYS A 238 20.49 10.66 1.30
CA LYS A 238 20.64 12.14 1.37
C LYS A 238 19.48 12.82 0.63
N TYR A 239 18.83 13.76 1.31
CA TYR A 239 17.73 14.54 0.73
C TYR A 239 17.76 15.93 1.41
N ALA A 240 16.92 16.82 0.92
CA ALA A 240 16.91 18.19 1.45
C ALA A 240 15.51 18.77 1.41
N PHE A 241 15.35 19.86 2.15
CA PHE A 241 14.13 20.66 2.16
C PHE A 241 14.51 22.03 1.57
N ASP A 242 15.30 22.02 0.50
CA ASP A 242 15.88 23.28 -0.01
C ASP A 242 14.97 23.97 -1.03
N LEU A 243 14.02 23.23 -1.59
CA LEU A 243 13.15 23.77 -2.64
C LEU A 243 12.36 24.96 -2.11
N PRO A 244 12.04 25.95 -2.98
CA PRO A 244 11.11 26.99 -2.51
C PRO A 244 9.82 26.39 -1.96
N GLN A 245 9.43 25.21 -2.47
CA GLN A 245 8.24 24.54 -2.00
C GLN A 245 8.24 24.31 -0.47
N TRP A 246 9.43 24.21 0.13
CA TRP A 246 9.53 24.02 1.59
C TRP A 246 9.59 25.32 2.39
N ARG A 247 9.63 26.46 1.69
CA ARG A 247 9.99 27.72 2.32
C ARG A 247 9.07 28.09 3.47
N THR A 248 7.78 27.78 3.34
CA THR A 248 6.76 28.18 4.32
C THR A 248 6.09 26.99 5.02
N ILE A 249 6.65 25.81 4.85
CA ILE A 249 6.19 24.60 5.55
C ILE A 249 6.72 24.63 6.98
N SER A 250 5.87 24.21 7.92
CA SER A 250 6.18 24.36 9.35
C SER A 250 7.44 23.57 9.72
N ASP A 251 8.17 24.06 10.71
CA ASP A 251 9.27 23.30 11.29
C ASP A 251 8.82 21.95 11.85
N ASP A 252 7.60 21.90 12.39
CA ASP A 252 7.08 20.66 12.93
C ASP A 252 6.91 19.56 11.88
N ALA A 253 6.38 19.92 10.70
CA ALA A 253 6.27 18.99 9.59
C ALA A 253 7.63 18.48 9.16
N LYS A 254 8.61 19.38 9.03
CA LYS A 254 9.95 19.00 8.64
C LYS A 254 10.57 18.09 9.70
N ASP A 255 10.32 18.36 10.97
CA ASP A 255 10.82 17.52 12.05
C ASP A 255 10.33 16.07 11.95
N LEU A 256 9.03 15.91 11.71
CA LEU A 256 8.42 14.59 11.57
C LEU A 256 9.04 13.86 10.40
N ILE A 257 9.13 14.55 9.25
CA ILE A 257 9.72 13.94 8.08
C ILE A 257 11.17 13.52 8.34
N ARG A 258 11.96 14.35 9.02
CA ARG A 258 13.39 14.03 9.30
C ARG A 258 13.46 12.75 10.12
N LYS A 259 12.57 12.64 11.08
CA LYS A 259 12.52 11.42 11.94
C LYS A 259 12.14 10.16 11.18
N MET A 260 11.22 10.29 10.24
CA MET A 260 10.75 9.18 9.43
C MET A 260 11.80 8.76 8.39
N LEU A 261 12.53 9.73 7.84
CA LEU A 261 13.56 9.45 6.82
C LEU A 261 14.96 9.35 7.42
N THR A 262 15.01 8.93 8.68
CA THR A 262 16.24 8.58 9.31
C THR A 262 16.87 7.33 8.65
N PHE A 263 18.13 7.42 8.30
CA PHE A 263 18.76 6.40 7.46
C PHE A 263 18.85 5.02 8.12
N HIS A 264 19.39 4.95 9.34
CA HIS A 264 19.49 3.65 10.04
C HIS A 264 18.15 3.33 10.70
N PRO A 265 17.56 2.15 10.41
CA PRO A 265 16.21 1.93 10.90
C PRO A 265 16.11 1.85 12.43
N SER A 266 17.19 1.43 13.09
CA SER A 266 17.19 1.34 14.56
C SER A 266 17.02 2.73 15.20
N LEU A 267 17.41 3.78 14.46
CA LEU A 267 17.33 5.20 14.92
C LEU A 267 16.10 5.95 14.43
N ARG A 268 15.28 5.27 13.62
CA ARG A 268 14.11 5.83 12.98
C ARG A 268 12.91 5.72 13.92
N ILE A 269 12.03 6.71 13.91
CA ILE A 269 10.85 6.64 14.79
C ILE A 269 9.90 5.49 14.43
N THR A 270 9.13 5.03 15.42
CA THR A 270 8.10 4.01 15.24
C THR A 270 6.82 4.65 14.71
N ALA A 271 5.93 3.83 14.18
CA ALA A 271 4.64 4.31 13.68
C ALA A 271 3.81 4.94 14.80
N THR A 272 3.81 4.32 15.98
CA THR A 272 3.14 4.87 17.16
C THR A 272 3.67 6.27 17.51
N GLN A 273 4.98 6.47 17.43
CA GLN A 273 5.60 7.79 17.69
C GLN A 273 5.18 8.83 16.62
N CYS A 274 5.04 8.39 15.38
CA CYS A 274 4.49 9.25 14.29
C CYS A 274 3.10 9.80 14.66
N LEU A 275 2.23 8.93 15.16
CA LEU A 275 0.88 9.37 15.59
C LEU A 275 0.91 10.36 16.73
N GLU A 276 1.92 10.25 17.59
CA GLU A 276 2.03 11.14 18.76
C GLU A 276 2.73 12.46 18.44
N HIS A 277 3.27 12.58 17.23
CA HIS A 277 4.12 13.73 16.93
C HIS A 277 3.28 15.00 17.03
N PRO A 278 3.85 16.09 17.56
CA PRO A 278 3.16 17.39 17.66
C PRO A 278 2.43 17.87 16.38
N TRP A 279 3.02 17.62 15.21
CA TRP A 279 2.42 18.03 13.93
C TRP A 279 1.07 17.35 13.71
N ILE A 280 1.02 16.04 13.99
CA ILE A 280 -0.25 15.31 13.88
C ILE A 280 -1.28 15.76 14.92
N GLN A 281 -0.82 16.05 16.14
CA GLN A 281 -1.69 16.46 17.23
C GLN A 281 -2.31 17.82 16.96
N LYS A 282 -1.55 18.71 16.31
CA LYS A 282 -2.04 20.04 15.94
C LYS A 282 -3.32 19.97 15.10
N TYR A 283 -3.43 18.92 14.27
CA TYR A 283 -4.55 18.81 13.32
C TYR A 283 -5.61 17.75 13.70
N SER A 284 -5.43 17.09 14.84
CA SER A 284 -6.37 16.07 15.29
C SER A 284 -7.59 16.70 15.94
N SER A 285 -8.74 16.04 15.82
CA SER A 285 -10.01 16.54 16.39
C SER A 285 -10.14 16.19 17.87
N GLU A 286 -11.05 16.86 18.57
CA GLU A 286 -11.39 16.51 19.96
C GLU A 286 -12.68 17.20 20.39
C20 VGG B . -8.15 -1.81 -9.48
C19 VGG B . -7.26 -1.47 -8.32
C21 VGG B . -7.32 0.03 -8.08
C22 VGG B . -5.83 -1.93 -8.61
N7 VGG B . -7.71 -2.08 -7.02
N8 VGG B . -6.94 -2.74 -6.26
C3 VGG B . -8.95 -1.98 -6.50
N2 VGG B . -10.11 -1.39 -6.93
C1 VGG B . -11.19 -1.49 -6.16
N6 VGG B . -11.21 -2.10 -4.99
C5 VGG B . -10.08 -2.71 -4.53
N10 VGG B . -10.14 -3.32 -3.35
C4 VGG B . -8.94 -2.67 -5.29
C9 VGG B . -7.62 -3.14 -5.17
C11 VGG B . -6.93 -3.92 -4.05
C12 VGG B . -7.29 -5.37 -3.92
C13 VGG B . -6.49 -6.16 -3.10
C17 VGG B . -8.42 -5.94 -4.53
C16 VGG B . -8.68 -7.30 -4.35
C15 VGG B . -7.85 -8.07 -3.54
C14 VGG B . -6.75 -7.49 -2.91
C18 VGG B . -5.81 -8.34 -2.01
#